data_2V24
#
_entry.id   2V24
#
_cell.length_a   104.220
_cell.length_b   104.220
_cell.length_c   40.780
_cell.angle_alpha   90.00
_cell.angle_beta   90.00
_cell.angle_gamma   120.00
#
_symmetry.space_group_name_H-M   'P 32 2 1'
#
loop_
_entity.id
_entity.type
_entity.pdbx_description
1 polymer 'SPRY DOMAIN-CONTAINING SOCS BOX PROTEIN 4'
2 non-polymer 'NICKEL (II) ION'
3 water water
#
_entity_poly.entity_id   1
_entity_poly.type   'polypeptide(L)'
_entity_poly.pdbx_seq_one_letter_code
;SMGAEPGRPARLDQLLDMPAAGLAVQLRHAWNPEDRSLNVFVKDDDRLTFHRHPVAQSTDGIRGKVGHARGLHAWQINWP
ARQRGTHAVVGVATARAPLHSVGYTALVGSDAESWGWDLGRSRLYHDGKNQPGVAYPAFLGPDEAFALPDSLLVVLDMDE
GTLSFIVDGQYLGVAFRGLKGKKLYPVVSAVWGHCEVTMRYINGLDPE
;
_entity_poly.pdbx_strand_id   A
#
loop_
_chem_comp.id
_chem_comp.type
_chem_comp.name
_chem_comp.formula
NI non-polymer 'NICKEL (II) ION' 'Ni 2'
#
# COMPACT_ATOMS: atom_id res chain seq x y z
N ARG A 8 4.50 -4.50 -17.49
CA ARG A 8 3.94 -3.19 -17.94
C ARG A 8 4.74 -1.94 -17.51
N PRO A 9 6.07 -2.08 -17.24
CA PRO A 9 6.80 -0.83 -16.93
C PRO A 9 6.90 0.13 -18.15
N ALA A 10 6.01 1.13 -18.23
CA ALA A 10 5.88 2.01 -19.43
C ALA A 10 6.81 3.22 -19.38
N ARG A 11 6.57 4.11 -18.42
CA ARG A 11 7.53 5.14 -18.04
C ARG A 11 8.15 4.83 -16.68
N LEU A 12 8.12 3.55 -16.27
CA LEU A 12 8.62 3.19 -14.94
C LEU A 12 10.13 3.30 -14.86
N ASP A 13 10.84 2.82 -15.89
CA ASP A 13 12.29 3.01 -15.97
C ASP A 13 12.70 4.50 -15.88
N GLN A 14 11.92 5.38 -16.53
CA GLN A 14 12.09 6.84 -16.41
C GLN A 14 11.82 7.36 -14.98
N LEU A 15 10.72 6.91 -14.37
CA LEU A 15 10.37 7.31 -13.00
C LEU A 15 11.44 6.90 -11.98
N LEU A 16 12.00 5.70 -12.14
CA LEU A 16 12.97 5.17 -11.18
C LEU A 16 14.39 5.69 -11.42
N ASP A 17 14.64 6.22 -12.62
CA ASP A 17 15.94 6.83 -12.95
C ASP A 17 16.07 8.24 -12.36
N MET A 18 14.94 8.92 -12.17
CA MET A 18 14.92 10.21 -11.48
C MET A 18 15.50 10.07 -10.08
N PRO A 19 16.27 11.08 -9.61
CA PRO A 19 16.59 11.10 -8.19
C PRO A 19 15.30 11.07 -7.35
N ALA A 20 15.29 10.26 -6.30
CA ALA A 20 14.08 10.09 -5.48
C ALA A 20 13.68 11.42 -4.85
N ALA A 21 12.38 11.63 -4.62
CA ALA A 21 11.91 12.90 -4.06
C ALA A 21 12.49 13.11 -2.65
N GLY A 22 12.79 14.35 -2.32
CA GLY A 22 13.35 14.68 -1.00
C GLY A 22 12.28 14.80 0.07
N LEU A 23 12.70 15.21 1.26
CA LEU A 23 11.87 15.08 2.47
C LEU A 23 10.55 15.86 2.44
N ALA A 24 10.54 17.05 1.81
CA ALA A 24 9.34 17.90 1.73
C ALA A 24 8.21 17.26 0.92
N VAL A 25 8.57 16.64 -0.20
CA VAL A 25 7.63 15.92 -1.07
C VAL A 25 7.19 14.62 -0.41
N GLN A 26 8.14 13.93 0.22
CA GLN A 26 7.87 12.74 1.00
C GLN A 26 6.81 12.96 2.10
N LEU A 27 6.90 14.10 2.78
CA LEU A 27 5.99 14.47 3.85
C LEU A 27 4.58 14.88 3.40
N ARG A 28 4.48 15.51 2.23
CA ARG A 28 3.20 15.87 1.62
C ARG A 28 2.42 14.67 1.14
N HIS A 29 3.14 13.62 0.80
CA HIS A 29 2.54 12.40 0.30
C HIS A 29 2.34 11.32 1.37
N ALA A 30 2.71 11.66 2.62
CA ALA A 30 2.87 10.71 3.71
C ALA A 30 1.54 10.29 4.32
N TRP A 31 1.60 9.39 5.30
CA TRP A 31 0.43 9.03 6.08
C TRP A 31 -0.33 10.26 6.56
N ASN A 32 -1.65 10.24 6.43
CA ASN A 32 -2.51 11.32 6.87
C ASN A 32 -2.95 11.11 8.31
N PRO A 33 -2.44 11.91 9.25
CA PRO A 33 -2.80 11.70 10.65
C PRO A 33 -4.28 11.93 10.96
N GLU A 34 -5.04 12.39 9.98
CA GLU A 34 -6.48 12.60 10.15
C GLU A 34 -7.36 11.73 9.22
N ASP A 35 -6.77 10.70 8.60
CA ASP A 35 -7.51 9.75 7.76
C ASP A 35 -7.07 8.33 8.15
N ARG A 36 -7.47 7.89 9.33
CA ARG A 36 -6.93 6.67 9.95
C ARG A 36 -7.89 6.00 10.93
N SER A 37 -7.63 4.74 11.24
CA SER A 37 -8.27 4.08 12.36
C SER A 37 -7.94 4.82 13.63
N LEU A 38 -8.91 4.92 14.54
CA LEU A 38 -8.68 5.54 15.84
C LEU A 38 -7.59 4.80 16.65
N ASN A 39 -7.17 3.61 16.19
CA ASN A 39 -6.17 2.79 16.90
C ASN A 39 -4.78 2.78 16.30
N VAL A 40 -4.53 3.61 15.28
CA VAL A 40 -3.16 3.82 14.84
C VAL A 40 -2.88 5.30 14.96
N PHE A 41 -1.61 5.64 15.01
CA PHE A 41 -1.19 7.02 15.07
C PHE A 41 0.07 7.18 14.22
N VAL A 42 0.20 8.36 13.64
CA VAL A 42 1.44 8.79 13.05
C VAL A 42 2.35 9.18 14.21
N LYS A 43 3.59 8.71 14.19
CA LYS A 43 4.52 8.99 15.27
C LYS A 43 4.85 10.49 15.38
N ASP A 44 5.03 10.97 16.62
CA ASP A 44 5.30 12.38 16.94
C ASP A 44 6.60 12.94 16.36
N ASP A 45 7.65 12.10 16.33
CA ASP A 45 8.97 12.46 15.77
C ASP A 45 9.32 11.81 14.41
N ASP A 46 8.36 11.14 13.78
CA ASP A 46 8.53 10.52 12.46
C ASP A 46 7.22 10.50 11.69
N ARG A 47 6.98 11.55 10.92
CA ARG A 47 5.69 11.70 10.27
CA ARG A 47 5.71 11.74 10.24
C ARG A 47 5.54 10.83 9.03
N LEU A 48 6.54 9.98 8.77
CA LEU A 48 6.53 9.01 7.68
C LEU A 48 6.06 7.62 8.13
N THR A 49 5.92 7.43 9.44
CA THR A 49 5.69 6.12 10.06
C THR A 49 4.46 6.21 10.97
N PHE A 50 3.51 5.31 10.77
CA PHE A 50 2.43 5.08 11.73
C PHE A 50 2.79 3.87 12.64
N HIS A 51 2.18 3.87 13.82
CA HIS A 51 2.32 2.82 14.82
C HIS A 51 0.91 2.32 15.16
N ARG A 52 0.71 1.01 15.15
CA ARG A 52 -0.59 0.45 15.51
C ARG A 52 -0.57 0.17 17.00
N HIS A 53 -1.63 0.56 17.68
CA HIS A 53 -1.69 0.42 19.12
C HIS A 53 -3.01 -0.25 19.51
N PRO A 54 -3.00 -1.60 19.58
CA PRO A 54 -4.23 -2.38 19.53
C PRO A 54 -5.07 -2.46 20.81
N VAL A 55 -6.33 -2.84 20.59
CA VAL A 55 -7.21 -3.36 21.63
C VAL A 55 -7.87 -4.64 21.06
N ALA A 56 -8.78 -5.27 21.78
CA ALA A 56 -9.27 -6.58 21.36
C ALA A 56 -9.77 -6.55 19.92
N GLN A 57 -9.49 -7.61 19.17
CA GLN A 57 -10.18 -7.86 17.90
C GLN A 57 -10.39 -6.60 17.05
N SER A 58 -9.32 -6.05 16.47
CA SER A 58 -9.47 -4.93 15.51
C SER A 58 -8.52 -5.02 14.32
N THR A 59 -9.02 -4.59 13.15
CA THR A 59 -8.22 -4.45 11.94
C THR A 59 -8.15 -2.96 11.63
N ASP A 60 -6.94 -2.43 11.45
CA ASP A 60 -6.75 -1.00 11.41
C ASP A 60 -5.99 -0.53 10.19
N GLY A 61 -6.51 0.53 9.58
CA GLY A 61 -5.93 1.08 8.38
C GLY A 61 -5.58 2.54 8.51
N ILE A 62 -4.78 3.00 7.55
CA ILE A 62 -4.47 4.40 7.38
C ILE A 62 -4.28 4.68 5.88
N ARG A 63 -4.86 5.79 5.38
CA ARG A 63 -4.60 6.34 4.01
C ARG A 63 -3.57 7.48 3.95
N GLY A 64 -2.85 7.58 2.81
CA GLY A 64 -1.92 8.68 2.55
C GLY A 64 -2.64 9.99 2.31
N LYS A 65 -1.92 11.12 2.45
CA LYS A 65 -2.51 12.45 2.27
C LYS A 65 -3.01 12.73 0.84
N VAL A 66 -2.28 12.20 -0.15
CA VAL A 66 -2.61 12.43 -1.56
C VAL A 66 -3.42 11.29 -2.22
N GLY A 67 -4.59 11.64 -2.75
CA GLY A 67 -5.34 10.77 -3.65
C GLY A 67 -4.91 11.04 -5.07
N HIS A 68 -4.48 10.00 -5.78
CA HIS A 68 -4.03 10.13 -7.18
C HIS A 68 -5.16 9.83 -8.16
N ALA A 69 -5.48 10.82 -9.01
CA ALA A 69 -6.41 10.62 -10.11
C ALA A 69 -5.64 10.49 -11.43
N ARG A 70 -4.30 10.50 -11.37
CA ARG A 70 -3.47 10.88 -12.50
C ARG A 70 -2.04 10.41 -12.32
N GLY A 71 -1.36 10.17 -13.42
CA GLY A 71 0.08 9.96 -13.40
C GLY A 71 0.51 8.58 -12.98
N LEU A 72 1.77 8.28 -13.19
CA LEU A 72 2.41 7.06 -12.73
C LEU A 72 3.12 7.45 -11.45
N HIS A 73 2.88 6.71 -10.35
CA HIS A 73 3.48 7.03 -9.05
C HIS A 73 4.05 5.81 -8.36
N ALA A 74 5.11 6.03 -7.59
CA ALA A 74 5.82 4.97 -6.91
C ALA A 74 6.14 5.39 -5.46
N TRP A 75 5.74 4.58 -4.49
CA TRP A 75 6.18 4.79 -3.11
C TRP A 75 6.75 3.53 -2.45
N GLN A 76 7.63 3.75 -1.48
CA GLN A 76 8.29 2.67 -0.78
C GLN A 76 7.61 2.45 0.55
N ILE A 77 7.31 1.19 0.85
CA ILE A 77 6.73 0.74 2.11
C ILE A 77 7.81 -0.03 2.83
N ASN A 78 8.22 0.42 4.03
CA ASN A 78 8.99 -0.42 4.96
C ASN A 78 8.07 -0.99 6.03
N TRP A 79 7.97 -2.32 6.09
CA TRP A 79 7.21 -3.04 7.12
C TRP A 79 8.06 -4.24 7.48
N PRO A 80 8.84 -4.18 8.57
CA PRO A 80 9.67 -5.35 8.80
C PRO A 80 8.90 -6.68 8.75
N ALA A 81 9.51 -7.69 8.10
CA ALA A 81 8.92 -9.01 7.84
C ALA A 81 8.53 -9.70 9.13
N ARG A 82 9.40 -9.53 10.11
CA ARG A 82 9.18 -9.83 11.51
C ARG A 82 7.82 -9.40 12.12
N GLN A 83 7.26 -8.29 11.65
CA GLN A 83 6.15 -7.62 12.28
C GLN A 83 4.86 -7.79 11.54
N ARG A 84 4.72 -8.92 10.86
CA ARG A 84 3.86 -9.00 9.70
C ARG A 84 3.55 -10.48 9.53
N GLY A 85 2.27 -10.85 9.55
CA GLY A 85 1.84 -12.19 9.12
C GLY A 85 0.70 -12.02 8.15
N THR A 86 -0.27 -12.94 8.21
CA THR A 86 -1.42 -12.90 7.33
C THR A 86 -2.30 -11.70 7.68
N HIS A 87 -2.97 -11.19 6.65
CA HIS A 87 -3.80 -9.98 6.71
C HIS A 87 -3.01 -8.71 7.05
N ALA A 88 -1.75 -8.70 6.64
CA ALA A 88 -0.93 -7.50 6.57
C ALA A 88 -0.97 -7.05 5.11
N VAL A 89 -1.85 -6.09 4.82
CA VAL A 89 -2.21 -5.72 3.43
C VAL A 89 -1.66 -4.35 3.01
N VAL A 90 -1.04 -4.29 1.83
CA VAL A 90 -0.55 -3.04 1.24
C VAL A 90 -1.29 -2.80 -0.08
N GLY A 91 -1.73 -1.58 -0.35
CA GLY A 91 -2.55 -1.31 -1.56
C GLY A 91 -2.99 0.12 -1.81
N VAL A 92 -4.20 0.33 -2.34
CA VAL A 92 -4.73 1.67 -2.60
C VAL A 92 -6.23 1.66 -2.33
N ALA A 93 -6.84 2.81 -2.00
CA ALA A 93 -8.29 2.82 -1.69
C ALA A 93 -9.08 4.07 -2.06
N THR A 94 -10.38 3.96 -2.34
CA THR A 94 -11.12 5.18 -2.57
C THR A 94 -11.19 5.91 -1.22
N ALA A 95 -11.68 7.15 -1.21
CA ALA A 95 -11.82 7.90 0.04
C ALA A 95 -12.94 7.33 0.92
N ARG A 96 -13.61 6.28 0.43
CA ARG A 96 -14.78 5.68 1.07
C ARG A 96 -14.51 4.30 1.71
N ALA A 97 -13.26 3.84 1.64
CA ALA A 97 -12.83 2.60 2.26
C ALA A 97 -12.85 2.71 3.78
N PRO A 98 -13.68 1.90 4.46
CA PRO A 98 -13.53 1.70 5.88
C PRO A 98 -12.10 1.41 6.30
N LEU A 99 -11.65 2.07 7.36
CA LEU A 99 -10.25 2.04 7.81
C LEU A 99 -10.07 1.31 9.18
N HIS A 100 -11.18 0.81 9.71
CA HIS A 100 -11.24 0.02 10.93
C HIS A 100 -12.35 -1.01 10.79
N SER A 101 -12.15 -2.20 11.36
CA SER A 101 -13.25 -3.14 11.61
C SER A 101 -13.07 -3.82 12.95
N VAL A 102 -14.17 -4.35 13.50
CA VAL A 102 -14.13 -5.16 14.72
C VAL A 102 -13.90 -6.61 14.31
N GLY A 103 -12.69 -7.12 14.58
CA GLY A 103 -12.30 -8.49 14.23
C GLY A 103 -11.07 -8.44 13.35
N TYR A 104 -10.60 -9.58 12.87
CA TYR A 104 -9.41 -9.63 12.04
C TYR A 104 -9.76 -9.95 10.62
N THR A 105 -9.66 -8.96 9.73
CA THR A 105 -10.06 -9.16 8.34
C THR A 105 -9.06 -8.59 7.33
N ALA A 106 -9.30 -8.93 6.07
CA ALA A 106 -8.64 -8.34 4.91
C ALA A 106 -9.44 -7.07 4.54
N LEU A 107 -9.21 -6.01 5.30
CA LEU A 107 -10.02 -4.78 5.24
C LEU A 107 -9.65 -3.92 4.02
N VAL A 108 -8.37 -3.89 3.67
CA VAL A 108 -7.95 -3.38 2.36
C VAL A 108 -8.23 -4.52 1.37
N GLY A 109 -9.29 -4.35 0.57
CA GLY A 109 -9.80 -5.38 -0.30
C GLY A 109 -11.17 -5.91 0.15
N SER A 110 -11.70 -5.33 1.22
CA SER A 110 -12.97 -5.74 1.83
C SER A 110 -14.16 -5.60 0.88
N ASP A 111 -14.20 -4.49 0.15
CA ASP A 111 -15.33 -4.15 -0.70
C ASP A 111 -14.86 -3.56 -2.03
N ALA A 112 -15.76 -2.89 -2.76
CA ALA A 112 -15.43 -2.27 -4.04
C ALA A 112 -14.49 -1.05 -3.92
N GLU A 113 -14.24 -0.59 -2.69
CA GLU A 113 -13.53 0.67 -2.42
C GLU A 113 -12.03 0.54 -2.14
N SER A 114 -11.48 -0.66 -2.23
CA SER A 114 -10.04 -0.87 -1.92
C SER A 114 -9.46 -2.11 -2.62
N TRP A 115 -8.16 -2.06 -2.87
CA TRP A 115 -7.38 -3.09 -3.58
C TRP A 115 -6.11 -3.30 -2.82
N GLY A 116 -5.80 -4.54 -2.44
CA GLY A 116 -4.61 -4.81 -1.65
C GLY A 116 -3.91 -6.14 -1.90
N TRP A 117 -2.65 -6.17 -1.50
CA TRP A 117 -1.80 -7.35 -1.52
C TRP A 117 -1.49 -7.78 -0.05
N ASP A 118 -1.95 -8.96 0.35
CA ASP A 118 -1.58 -9.56 1.62
C ASP A 118 -0.10 -9.99 1.55
N LEU A 119 0.76 -9.33 2.30
CA LEU A 119 2.21 -9.64 2.29
C LEU A 119 2.48 -11.02 2.93
N GLY A 120 1.59 -11.45 3.82
CA GLY A 120 1.72 -12.77 4.46
C GLY A 120 1.23 -13.94 3.63
N ARG A 121 0.10 -13.78 2.96
CA ARG A 121 -0.50 -14.86 2.16
C ARG A 121 -0.10 -14.82 0.67
N SER A 122 0.48 -13.72 0.22
CA SER A 122 0.73 -13.45 -1.21
C SER A 122 -0.57 -13.54 -2.04
N ARG A 123 -1.64 -12.95 -1.50
CA ARG A 123 -2.98 -12.99 -2.09
C ARG A 123 -3.50 -11.56 -2.34
N LEU A 124 -4.24 -11.38 -3.42
CA LEU A 124 -4.80 -10.08 -3.81
C LEU A 124 -6.27 -9.98 -3.43
N TYR A 125 -6.66 -8.87 -2.79
CA TYR A 125 -8.02 -8.70 -2.27
C TYR A 125 -8.78 -7.53 -2.93
N HIS A 126 -10.05 -7.78 -3.27
CA HIS A 126 -10.98 -6.78 -3.85
C HIS A 126 -12.34 -7.42 -4.11
N ASP A 127 -13.42 -6.77 -3.70
CA ASP A 127 -14.79 -7.29 -4.04
C ASP A 127 -15.65 -6.31 -4.83
N PRO A 132 -12.80 -12.91 -5.12
CA PRO A 132 -11.81 -12.56 -4.10
C PRO A 132 -10.80 -13.69 -3.78
N GLY A 133 -9.59 -13.28 -3.38
CA GLY A 133 -8.52 -14.20 -2.92
C GLY A 133 -7.55 -14.73 -3.97
N VAL A 134 -7.06 -13.87 -4.87
CA VAL A 134 -6.23 -14.32 -6.00
C VAL A 134 -4.73 -14.24 -5.73
N ALA A 135 -3.97 -15.18 -6.30
CA ALA A 135 -2.52 -15.29 -6.07
C ALA A 135 -1.70 -14.24 -6.82
N TYR A 136 -0.64 -13.73 -6.20
CA TYR A 136 0.28 -12.73 -6.81
C TYR A 136 1.63 -12.66 -6.08
N PRO A 137 2.76 -12.68 -6.82
CA PRO A 137 2.94 -12.83 -8.25
C PRO A 137 2.31 -14.10 -8.82
N ALA A 138 1.88 -14.06 -10.08
CA ALA A 138 1.12 -15.19 -10.68
C ALA A 138 1.93 -16.50 -10.78
N PHE A 139 3.25 -16.39 -10.82
CA PHE A 139 4.11 -17.57 -10.92
C PHE A 139 4.17 -18.41 -9.65
N LEU A 140 3.64 -17.90 -8.53
CA LEU A 140 3.53 -18.71 -7.33
C LEU A 140 2.56 -19.84 -7.59
N GLY A 141 2.87 -21.01 -7.04
CA GLY A 141 2.02 -22.20 -7.16
C GLY A 141 1.01 -22.28 -6.04
N PRO A 142 0.28 -23.39 -5.96
CA PRO A 142 -0.70 -23.56 -4.90
C PRO A 142 -0.01 -23.79 -3.56
N ASP A 143 -0.50 -23.16 -2.50
CA ASP A 143 0.07 -23.25 -1.14
C ASP A 143 1.42 -22.52 -1.01
N GLU A 144 1.71 -21.64 -1.97
CA GLU A 144 2.99 -20.93 -2.01
C GLU A 144 2.80 -19.44 -1.77
N ALA A 145 3.81 -18.82 -1.16
CA ALA A 145 3.85 -17.39 -0.91
C ALA A 145 5.22 -16.87 -1.35
N PHE A 146 5.27 -15.61 -1.79
CA PHE A 146 6.54 -14.94 -2.12
C PHE A 146 7.16 -14.48 -0.80
N ALA A 147 8.44 -14.80 -0.58
CA ALA A 147 9.13 -14.40 0.65
C ALA A 147 9.63 -12.96 0.55
N LEU A 148 8.82 -12.03 1.06
CA LEU A 148 9.11 -10.59 0.98
C LEU A 148 10.10 -10.16 2.06
N PRO A 149 11.00 -9.20 1.75
CA PRO A 149 11.90 -8.58 2.71
C PRO A 149 11.21 -7.40 3.42
N ASP A 150 11.97 -6.55 4.10
CA ASP A 150 11.38 -5.45 4.86
C ASP A 150 10.68 -4.38 4.03
N SER A 151 11.05 -4.23 2.74
CA SER A 151 10.46 -3.18 1.91
C SER A 151 10.04 -3.62 0.51
N LEU A 152 9.09 -2.90 -0.05
CA LEU A 152 8.63 -3.12 -1.41
C LEU A 152 8.36 -1.75 -2.01
N LEU A 153 8.10 -1.73 -3.32
CA LEU A 153 7.65 -0.52 -4.04
C LEU A 153 6.20 -0.73 -4.49
N VAL A 154 5.32 0.23 -4.22
CA VAL A 154 3.95 0.22 -4.75
C VAL A 154 3.96 1.15 -5.97
N VAL A 155 3.61 0.62 -7.14
CA VAL A 155 3.66 1.40 -8.37
C VAL A 155 2.22 1.60 -8.85
N LEU A 156 1.72 2.85 -8.78
CA LEU A 156 0.34 3.18 -9.16
C LEU A 156 0.34 3.94 -10.49
N ASP A 157 -0.43 3.43 -11.46
CA ASP A 157 -0.55 4.01 -12.78
C ASP A 157 -2.01 4.38 -13.00
N MET A 158 -2.36 5.62 -12.69
CA MET A 158 -3.74 6.09 -12.84
C MET A 158 -4.06 6.54 -14.27
N ASP A 159 -3.08 6.43 -15.17
CA ASP A 159 -3.28 6.72 -16.58
C ASP A 159 -3.72 5.47 -17.35
N GLU A 160 -3.06 4.36 -17.07
CA GLU A 160 -3.46 3.04 -17.57
C GLU A 160 -4.49 2.40 -16.61
N GLY A 161 -4.45 2.79 -15.34
CA GLY A 161 -5.40 2.29 -14.33
C GLY A 161 -5.01 0.94 -13.78
N THR A 162 -3.74 0.77 -13.42
CA THR A 162 -3.23 -0.47 -12.86
C THR A 162 -2.49 -0.24 -11.53
N LEU A 163 -2.35 -1.32 -10.76
CA LEU A 163 -1.50 -1.35 -9.56
C LEU A 163 -0.51 -2.51 -9.72
N SER A 164 0.76 -2.27 -9.39
CA SER A 164 1.79 -3.30 -9.43
C SER A 164 2.81 -3.06 -8.31
N PHE A 165 3.73 -4.02 -8.12
CA PHE A 165 4.72 -3.95 -7.05
C PHE A 165 6.10 -4.36 -7.56
N ILE A 166 7.13 -3.77 -6.96
CA ILE A 166 8.53 -4.18 -7.15
C ILE A 166 9.05 -4.68 -5.79
N VAL A 167 9.84 -5.75 -5.78
CA VAL A 167 10.52 -6.20 -4.58
C VAL A 167 11.99 -6.50 -4.90
N ASP A 168 12.88 -5.79 -4.22
CA ASP A 168 14.33 -5.91 -4.38
C ASP A 168 14.79 -5.88 -5.86
N GLY A 169 14.21 -4.99 -6.66
CA GLY A 169 14.64 -4.76 -8.04
C GLY A 169 13.82 -5.46 -9.11
N GLN A 170 13.03 -6.44 -8.68
CA GLN A 170 12.22 -7.30 -9.56
C GLN A 170 10.84 -6.65 -9.67
N TYR A 171 10.40 -6.31 -10.89
CA TYR A 171 9.01 -5.95 -11.15
C TYR A 171 8.18 -7.26 -11.13
N LEU A 172 7.09 -7.30 -10.36
CA LEU A 172 6.38 -8.57 -10.09
C LEU A 172 5.11 -8.78 -10.94
N GLY A 173 4.76 -7.77 -11.72
CA GLY A 173 3.60 -7.87 -12.61
C GLY A 173 2.45 -6.95 -12.22
N VAL A 174 1.51 -6.80 -13.13
CA VAL A 174 0.31 -6.01 -12.87
C VAL A 174 -0.53 -6.82 -11.89
N ALA A 175 -0.90 -6.21 -10.76
CA ALA A 175 -1.71 -6.89 -9.76
C ALA A 175 -3.20 -6.62 -9.98
N PHE A 176 -3.55 -5.35 -10.19
CA PHE A 176 -4.93 -4.98 -10.46
C PHE A 176 -5.00 -4.09 -11.70
N ARG A 177 -6.16 -4.11 -12.35
CA ARG A 177 -6.48 -3.22 -13.47
C ARG A 177 -7.86 -2.65 -13.19
N GLY A 178 -8.33 -1.79 -14.09
CA GLY A 178 -9.68 -1.22 -14.00
C GLY A 178 -9.81 -0.05 -13.03
N LEU A 179 -8.70 0.65 -12.79
CA LEU A 179 -8.63 1.71 -11.78
C LEU A 179 -8.68 3.14 -12.35
N LYS A 180 -8.98 3.30 -13.64
CA LYS A 180 -9.11 4.62 -14.27
C LYS A 180 -10.39 5.32 -13.83
N GLY A 181 -10.29 6.61 -13.55
CA GLY A 181 -11.48 7.42 -13.28
C GLY A 181 -11.76 7.55 -11.80
N LYS A 182 -10.85 7.03 -10.99
CA LYS A 182 -10.98 7.06 -9.53
C LYS A 182 -9.88 7.96 -8.94
N LYS A 183 -9.94 8.18 -7.64
CA LYS A 183 -8.88 8.88 -6.92
C LYS A 183 -8.47 7.96 -5.79
N LEU A 184 -7.20 7.52 -5.80
CA LEU A 184 -6.74 6.41 -4.98
C LEU A 184 -5.49 6.78 -4.17
N TYR A 185 -5.48 6.43 -2.87
CA TYR A 185 -4.42 6.86 -1.91
C TYR A 185 -3.58 5.68 -1.51
N PRO A 186 -2.28 5.90 -1.12
CA PRO A 186 -1.63 4.80 -0.50
C PRO A 186 -2.43 4.40 0.75
N VAL A 187 -2.80 3.12 0.90
CA VAL A 187 -3.45 2.59 2.12
C VAL A 187 -2.74 1.32 2.62
N VAL A 188 -2.95 1.04 3.90
CA VAL A 188 -2.45 -0.19 4.55
C VAL A 188 -3.46 -0.62 5.62
N SER A 189 -3.55 -1.92 5.88
CA SER A 189 -4.30 -2.41 7.04
C SER A 189 -3.54 -3.54 7.68
N ALA A 190 -3.57 -3.58 9.01
CA ALA A 190 -2.82 -4.53 9.83
C ALA A 190 -3.75 -5.07 10.87
N VAL A 191 -3.52 -6.32 11.29
CA VAL A 191 -4.38 -7.02 12.27
C VAL A 191 -3.64 -7.38 13.55
N TRP A 192 -2.32 -7.26 13.58
CA TRP A 192 -1.51 -7.89 14.62
C TRP A 192 -0.35 -7.04 15.11
N GLY A 193 -0.30 -6.84 16.41
CA GLY A 193 0.88 -6.35 17.07
C GLY A 193 0.96 -4.85 16.95
N HIS A 194 2.05 -4.31 17.46
CA HIS A 194 2.28 -2.87 17.43
C HIS A 194 3.15 -2.54 16.24
N CYS A 195 2.61 -2.76 15.03
CA CYS A 195 3.43 -2.67 13.84
C CYS A 195 3.79 -1.21 13.59
N GLU A 196 4.96 -1.02 13.00
CA GLU A 196 5.32 0.23 12.39
C GLU A 196 5.64 0.10 10.90
N VAL A 197 4.83 0.81 10.10
CA VAL A 197 4.91 0.85 8.64
C VAL A 197 5.33 2.26 8.17
N THR A 198 6.58 2.39 7.66
CA THR A 198 7.03 3.62 6.98
C THR A 198 6.63 3.72 5.50
N MET A 199 6.27 4.91 5.06
CA MET A 199 6.11 5.12 3.64
C MET A 199 6.78 6.34 3.15
N ARG A 200 7.56 6.16 2.08
CA ARG A 200 8.25 7.23 1.40
C ARG A 200 7.78 7.30 -0.03
N TYR A 201 7.18 8.41 -0.41
CA TYR A 201 6.89 8.67 -1.80
C TYR A 201 8.22 8.77 -2.56
N ILE A 202 8.34 8.02 -3.67
CA ILE A 202 9.61 7.95 -4.40
C ILE A 202 9.66 8.98 -5.53
N ASN A 203 8.70 8.90 -6.45
CA ASN A 203 8.46 9.94 -7.44
C ASN A 203 7.17 9.75 -8.24
N GLY A 204 6.86 10.74 -9.06
CA GLY A 204 5.74 10.67 -9.98
C GLY A 204 6.02 11.36 -11.29
N LEU A 205 5.41 10.84 -12.35
CA LEU A 205 5.39 11.45 -13.67
C LEU A 205 3.91 11.77 -13.96
N ASP A 206 3.58 13.06 -13.92
CA ASP A 206 2.25 13.55 -14.30
C ASP A 206 2.12 13.59 -15.81
N PRO A 207 0.89 13.47 -16.32
CA PRO A 207 0.67 13.79 -17.72
C PRO A 207 0.77 15.29 -18.03
N GLU A 208 0.94 15.57 -19.32
CA GLU A 208 0.93 16.90 -19.88
C GLU A 208 -0.31 17.69 -19.46
NI NI B . 1.97 0.48 20.59
#